data_8XSB
#
_entry.id   8XSB
#
_cell.length_a   68.100
_cell.length_b   99.632
_cell.length_c   80.002
_cell.angle_alpha   90.00
_cell.angle_beta   90.51
_cell.angle_gamma   90.00
#
_symmetry.space_group_name_H-M   'P 1 21 1'
#
loop_
_entity.id
_entity.type
_entity.pdbx_description
1 polymer 'Aryl hydrocarbon receptor nuclear translocator'
2 polymer 'Aryl hydrocarbon receptor'
3 polymer DNAF
4 polymer DNAR
5 non-polymer (3~{Z})-3-(3-oxidanylidene-1~{H}-indol-2-ylidene)-1~{H}-indol-2-one
6 water water
#
loop_
_entity_poly.entity_id
_entity_poly.type
_entity_poly.pdbx_seq_one_letter_code
_entity_poly.pdbx_strand_id
1 'polypeptide(L)'
;MDKERLARENHSEIERRRRNKMTAYITELSDMVPTCSALARKPDKLTILRMAVSHMKSLRGTGNTSTDGSYKPSFLTDQE
LKHLILEAADGFLFIVSCETGRVVYVSDSVTPVLNQPQSEWFGSTLYDQVHPDDVDKLREQLSTSENALTGRILDLKTGT
VKKEGQQSSMRMCMGSRRSFICRMRCGSSSVDPVSVNRLSFVRNRCRNGLGSVKDGEPHFVVVHCTGYIKAWPPAGVSLP
DDDPEAGQGSKFCLVAIGRLQVTSSPNCTDMSNVCQPTEFISRHNIEGIFTFVDHRCVATVGYQPQELLGKNIVEFCHPE
DQQLLRDSFQQVVKLKGQVLSVMFRFRSKNQEWLWMRTSSFTFQNPYSDEIEYIICTNTNVK
;
A
2 'polypeptide(L)'
;MIPAEGIKSNPSKRHRDRLNTELDRLASLLPFPQDVINKLDKLSVLRLSVSYLRAKSFFDVSLKSSPADRNGVQDNCRTK
FREGLNLQEGEFLLQALNGFVLVVTTDALVFYASSTIQDYLGFQQSDVIHQSVYELIHTEDRAEFQRQLHWALNPSQCPD
SGQRIDEASGLSQPAAYYNPEQLPPENSFMERCFVCRLRCLLDNSSGFLAMNFQGRLKYLHGQNKKGKDGSILPPQLALF
AIATPLQPPSILEIRTKNFIFRTKHKLDFTPTGCDAKGKIVLGYTEAELCMRGTGYQFIHAADMLYCAEYHVRMIKTGES
GMIVFRLLTKDNRWTWVQSNARLVYKNGRPDYIIATQRPLTDEEGKEHLRKRTLKLPFMFATGEAVLYEHHHHHH
;
B
3 'polydeoxyribonucleotide'
;(DC)(DA)(DT)(DC)(DG)(DG)(DG)(DC)(DA)(DT)(DC)(DG)(DC)(DG)(DT)(DG)(DA)(DC)(DA)(DA)
(DG)
;
C
4 'polydeoxyribonucleotide'
;(DG)(DC)(DT)(DT)(DG)(DT)(DC)(DA)(DC)(DG)(DC)(DG)(DA)(DT)(DG)(DC)(DC)(DC)(DG)(DA)
(DT)
;
D
#
# COMPACT_ATOMS: atom_id res chain seq x y z
N MET A 1 39.26 11.49 -35.32
CA MET A 1 39.57 10.08 -35.12
C MET A 1 38.66 9.21 -35.98
N ASP A 2 39.27 8.39 -36.84
CA ASP A 2 38.51 7.51 -37.72
C ASP A 2 37.65 6.55 -36.90
N LYS A 3 36.46 6.26 -37.40
CA LYS A 3 35.46 5.51 -36.64
C LYS A 3 35.88 4.06 -36.40
N GLU A 4 36.66 3.47 -37.31
CA GLU A 4 37.05 2.08 -37.14
C GLU A 4 38.03 1.92 -35.98
N ARG A 5 38.99 2.83 -35.85
CA ARG A 5 39.94 2.79 -34.75
C ARG A 5 39.27 3.04 -33.41
N LEU A 6 38.33 4.00 -33.35
CA LEU A 6 37.59 4.22 -32.12
C LEU A 6 36.74 3.00 -31.77
N ALA A 7 36.13 2.37 -32.77
CA ALA A 7 35.34 1.17 -32.51
C ALA A 7 36.21 0.05 -31.96
N ARG A 8 37.40 -0.14 -32.55
CA ARG A 8 38.31 -1.17 -32.06
C ARG A 8 38.74 -0.89 -30.62
N GLU A 9 39.03 0.37 -30.30
CA GLU A 9 39.43 0.70 -28.94
C GLU A 9 38.30 0.49 -27.95
N ASN A 10 37.07 0.88 -28.33
CA ASN A 10 35.93 0.63 -27.46
C ASN A 10 35.73 -0.87 -27.24
N HIS A 11 35.89 -1.67 -28.29
CA HIS A 11 35.74 -3.12 -28.16
C HIS A 11 36.81 -3.71 -27.24
N SER A 12 38.06 -3.29 -27.42
CA SER A 12 39.13 -3.77 -26.56
C SER A 12 38.88 -3.40 -25.11
N GLU A 13 38.41 -2.16 -24.87
CA GLU A 13 38.10 -1.77 -23.49
C GLU A 13 36.96 -2.59 -22.92
N ILE A 14 35.94 -2.88 -23.74
CA ILE A 14 34.83 -3.70 -23.26
C ILE A 14 35.32 -5.08 -22.85
N GLU A 15 36.16 -5.70 -23.68
CA GLU A 15 36.67 -7.02 -23.34
C GLU A 15 37.58 -6.97 -22.11
N ARG A 16 38.34 -5.89 -21.96
CA ARG A 16 39.18 -5.73 -20.77
C ARG A 16 38.32 -5.65 -19.51
N ARG A 17 37.28 -4.83 -19.54
CA ARG A 17 36.42 -4.71 -18.38
C ARG A 17 35.66 -6.01 -18.10
N ARG A 18 35.42 -6.79 -19.15
CA ARG A 18 34.74 -8.08 -19.05
C ARG A 18 35.63 -9.09 -18.32
N ARG A 19 36.90 -9.15 -18.70
CA ARG A 19 37.89 -9.96 -17.99
C ARG A 19 38.05 -9.49 -16.55
N ASN A 20 38.06 -8.16 -16.33
CA ASN A 20 38.14 -7.62 -14.98
C ASN A 20 36.97 -8.10 -14.13
N LYS A 21 35.75 -8.03 -14.67
CA LYS A 21 34.58 -8.51 -13.91
C LYS A 21 34.70 -10.00 -13.62
N MET A 22 35.20 -10.77 -14.59
CA MET A 22 35.33 -12.22 -14.36
C MET A 22 36.31 -12.51 -13.22
N THR A 23 37.48 -11.85 -13.23
CA THR A 23 38.46 -12.10 -12.18
C THR A 23 37.95 -11.61 -10.83
N ALA A 24 37.21 -10.51 -10.81
CA ALA A 24 36.65 -10.01 -9.55
C ALA A 24 35.64 -10.99 -8.97
N TYR A 25 34.80 -11.57 -9.83
CA TYR A 25 33.85 -12.57 -9.35
C TYR A 25 34.55 -13.83 -8.86
N ILE A 26 35.67 -14.19 -9.50
CA ILE A 26 36.45 -15.33 -9.00
C ILE A 26 37.04 -15.02 -7.62
N THR A 27 37.49 -13.78 -7.43
CA THR A 27 37.98 -13.37 -6.11
C THR A 27 36.88 -13.45 -5.06
N GLU A 28 35.67 -12.99 -5.42
CA GLU A 28 34.55 -13.10 -4.49
C GLU A 28 34.25 -14.56 -4.16
N LEU A 29 34.32 -15.44 -5.16
CA LEU A 29 34.14 -16.87 -4.91
C LEU A 29 35.19 -17.39 -3.93
N SER A 30 36.44 -16.97 -4.12
CA SER A 30 37.49 -17.37 -3.19
C SER A 30 37.19 -16.89 -1.77
N ASP A 31 36.65 -15.68 -1.64
CA ASP A 31 36.26 -15.18 -0.33
C ASP A 31 35.05 -15.92 0.25
N MET A 32 34.24 -16.54 -0.60
CA MET A 32 32.96 -17.08 -0.16
C MET A 32 32.98 -18.56 0.20
N VAL A 33 34.02 -19.29 -0.17
CA VAL A 33 34.04 -20.73 0.10
C VAL A 33 34.98 -21.00 1.28
N PRO A 34 34.87 -22.17 1.95
CA PRO A 34 35.59 -22.37 3.21
C PRO A 34 37.09 -22.14 3.18
N THR A 35 37.85 -23.10 2.64
CA THR A 35 39.30 -23.12 2.81
C THR A 35 40.06 -22.29 1.78
N CYS A 36 39.37 -21.58 0.89
CA CYS A 36 40.07 -20.68 -0.01
C CYS A 36 40.60 -19.46 0.74
N SER A 37 39.78 -18.89 1.62
CA SER A 37 40.21 -17.74 2.40
C SER A 37 41.32 -18.12 3.38
N ALA A 38 41.19 -19.28 4.01
CA ALA A 38 42.20 -19.75 4.96
C ALA A 38 43.49 -20.15 4.23
N LYS A 42 47.76 -19.07 -1.69
CA LYS A 42 46.71 -18.56 -2.58
C LYS A 42 46.49 -19.50 -3.77
N PRO A 43 45.22 -19.79 -4.06
CA PRO A 43 44.88 -20.68 -5.17
C PRO A 43 44.68 -19.91 -6.47
N ASP A 44 44.69 -20.66 -7.58
CA ASP A 44 44.48 -20.11 -8.90
C ASP A 44 42.99 -20.18 -9.26
N LYS A 45 42.67 -19.75 -10.48
CA LYS A 45 41.26 -19.65 -10.88
C LYS A 45 40.60 -21.03 -10.93
N LEU A 46 41.30 -22.04 -11.44
CA LEU A 46 40.71 -23.36 -11.58
C LEU A 46 40.38 -23.97 -10.23
N THR A 47 41.31 -23.87 -9.27
CA THR A 47 41.06 -24.42 -7.94
C THR A 47 39.91 -23.71 -7.25
N ILE A 48 39.85 -22.38 -7.38
CA ILE A 48 38.76 -21.62 -6.80
C ILE A 48 37.43 -22.05 -7.41
N LEU A 49 37.40 -22.24 -8.73
CA LEU A 49 36.15 -22.65 -9.38
C LEU A 49 35.73 -24.04 -8.95
N ARG A 50 36.68 -24.98 -8.82
CA ARG A 50 36.33 -26.33 -8.40
C ARG A 50 35.83 -26.35 -6.96
N MET A 51 36.48 -25.59 -6.07
CA MET A 51 36.03 -25.52 -4.69
C MET A 51 34.67 -24.83 -4.57
N ALA A 52 34.41 -23.83 -5.41
CA ALA A 52 33.09 -23.22 -5.43
C ALA A 52 32.03 -24.20 -5.92
N VAL A 53 32.37 -25.02 -6.92
CA VAL A 53 31.44 -26.04 -7.40
C VAL A 53 31.11 -27.01 -6.28
N SER A 54 32.14 -27.47 -5.55
CA SER A 54 31.90 -28.39 -4.45
C SER A 54 31.06 -27.76 -3.36
N HIS A 55 31.34 -26.49 -3.01
CA HIS A 55 30.58 -25.81 -1.98
C HIS A 55 29.11 -25.66 -2.39
N MET A 56 28.86 -25.27 -3.64
CA MET A 56 27.49 -25.15 -4.11
C MET A 56 26.79 -26.50 -4.13
N LYS A 57 27.52 -27.56 -4.50
CA LYS A 57 26.93 -28.89 -4.47
C LYS A 57 26.54 -29.29 -3.06
N SER A 58 27.37 -28.95 -2.08
CA SER A 58 27.03 -29.23 -0.69
C SER A 58 25.84 -28.38 -0.22
N LEU A 59 25.73 -27.15 -0.70
CA LEU A 59 24.64 -26.28 -0.25
C LEU A 59 23.31 -26.67 -0.91
N ARG A 60 23.33 -26.97 -2.19
CA ARG A 60 22.09 -27.34 -2.89
C ARG A 60 21.65 -28.74 -2.51
N PRO A 73 12.50 -24.28 -9.23
CA PRO A 73 13.53 -23.94 -8.24
C PRO A 73 13.58 -22.45 -7.97
N SER A 74 13.83 -22.08 -6.71
CA SER A 74 13.86 -20.69 -6.30
C SER A 74 15.24 -20.33 -5.77
N PHE A 75 15.60 -19.05 -5.90
CA PHE A 75 16.88 -18.58 -5.39
C PHE A 75 16.99 -18.82 -3.88
N LEU A 76 15.96 -18.43 -3.14
CA LEU A 76 15.89 -18.68 -1.72
C LEU A 76 14.90 -19.80 -1.42
N THR A 77 14.91 -20.25 -0.18
CA THR A 77 13.88 -21.16 0.30
C THR A 77 12.71 -20.35 0.82
N ASP A 78 11.59 -21.04 1.08
CA ASP A 78 10.42 -20.38 1.63
C ASP A 78 10.75 -19.72 2.96
N GLN A 79 11.55 -20.39 3.80
CA GLN A 79 11.92 -19.82 5.09
C GLN A 79 12.85 -18.61 4.94
N GLU A 80 13.78 -18.67 3.98
CA GLU A 80 14.66 -17.52 3.75
C GLU A 80 13.88 -16.33 3.21
N LEU A 81 12.93 -16.58 2.32
CA LEU A 81 12.09 -15.50 1.79
C LEU A 81 11.25 -14.89 2.90
N LYS A 82 10.61 -15.73 3.71
CA LYS A 82 9.84 -15.22 4.85
C LYS A 82 10.73 -14.40 5.78
N HIS A 83 11.95 -14.88 6.03
CA HIS A 83 12.88 -14.15 6.89
C HIS A 83 13.19 -12.78 6.32
N LEU A 84 13.45 -12.70 5.01
CA LEU A 84 13.75 -11.41 4.41
C LEU A 84 12.56 -10.46 4.51
N ILE A 85 11.37 -10.95 4.19
CA ILE A 85 10.18 -10.08 4.23
C ILE A 85 9.92 -9.58 5.65
N LEU A 86 10.00 -10.48 6.63
CA LEU A 86 9.71 -10.09 8.00
C LEU A 86 10.80 -9.16 8.55
N GLU A 87 12.06 -9.43 8.23
CA GLU A 87 13.14 -8.55 8.66
C GLU A 87 13.03 -7.18 8.00
N ALA A 88 12.43 -7.11 6.82
CA ALA A 88 12.29 -5.83 6.14
C ALA A 88 11.12 -5.03 6.69
N ALA A 89 9.96 -5.66 6.92
CA ALA A 89 8.78 -4.87 7.28
C ALA A 89 7.83 -5.58 8.24
N ASP A 90 8.36 -6.42 9.12
CA ASP A 90 7.58 -7.05 10.20
C ASP A 90 6.33 -7.73 9.62
N GLY A 91 5.26 -7.75 10.40
CA GLY A 91 3.98 -8.30 9.94
C GLY A 91 3.80 -9.75 10.30
N PHE A 92 2.56 -10.21 10.11
CA PHE A 92 2.22 -11.62 10.24
C PHE A 92 1.20 -11.98 9.18
N LEU A 93 1.32 -13.18 8.63
CA LEU A 93 0.44 -13.65 7.57
C LEU A 93 -0.82 -14.26 8.16
N PHE A 94 -1.97 -13.92 7.58
CA PHE A 94 -3.21 -14.59 7.93
C PHE A 94 -4.04 -14.83 6.67
N ILE A 95 -4.61 -16.02 6.59
CA ILE A 95 -5.49 -16.42 5.50
C ILE A 95 -6.84 -16.72 6.12
N VAL A 96 -7.85 -15.93 5.75
CA VAL A 96 -9.21 -16.09 6.26
C VAL A 96 -10.15 -16.34 5.10
N SER A 97 -11.32 -16.88 5.41
CA SER A 97 -12.33 -17.12 4.39
C SER A 97 -13.14 -15.86 4.13
N CYS A 98 -13.56 -15.70 2.87
CA CYS A 98 -14.33 -14.51 2.50
C CYS A 98 -15.77 -14.58 3.00
N GLU A 99 -16.32 -15.79 3.12
CA GLU A 99 -17.72 -15.95 3.53
C GLU A 99 -17.90 -15.64 5.00
N THR A 100 -17.32 -16.48 5.86
CA THR A 100 -17.52 -16.39 7.30
C THR A 100 -16.40 -15.66 8.02
N GLY A 101 -15.30 -15.35 7.35
CA GLY A 101 -14.14 -14.82 8.03
C GLY A 101 -13.35 -15.85 8.82
N ARG A 102 -13.62 -17.14 8.62
CA ARG A 102 -12.95 -18.18 9.37
C ARG A 102 -11.45 -18.16 9.11
N VAL A 103 -10.68 -18.17 10.20
CA VAL A 103 -9.22 -18.14 10.10
C VAL A 103 -8.74 -19.48 9.59
N VAL A 104 -8.37 -19.53 8.31
CA VAL A 104 -7.85 -20.77 7.73
C VAL A 104 -6.39 -20.97 8.13
N TYR A 105 -5.63 -19.88 8.28
CA TYR A 105 -4.22 -20.01 8.63
C TYR A 105 -3.76 -18.72 9.29
N VAL A 106 -2.82 -18.86 10.23
CA VAL A 106 -2.14 -17.72 10.84
C VAL A 106 -0.72 -18.15 11.19
N SER A 107 0.25 -17.30 10.85
CA SER A 107 1.64 -17.64 11.08
C SER A 107 2.01 -17.40 12.54
N ASP A 108 3.17 -17.94 12.93
CA ASP A 108 3.67 -17.73 14.28
C ASP A 108 4.01 -16.27 14.55
N SER A 109 4.28 -15.49 13.49
CA SER A 109 4.60 -14.08 13.65
C SER A 109 3.48 -13.29 14.32
N VAL A 110 2.30 -13.88 14.51
CA VAL A 110 1.23 -13.20 15.23
C VAL A 110 1.59 -13.02 16.70
N THR A 111 2.48 -13.86 17.23
CA THR A 111 2.86 -13.69 18.64
C THR A 111 3.74 -12.46 18.85
N PRO A 112 4.78 -12.20 18.06
CA PRO A 112 5.55 -10.96 18.24
C PRO A 112 4.86 -9.71 17.71
N VAL A 113 3.65 -9.81 17.16
CA VAL A 113 2.94 -8.67 16.62
C VAL A 113 1.73 -8.30 17.48
N LEU A 114 0.90 -9.28 17.83
CA LEU A 114 -0.29 -9.02 18.62
C LEU A 114 -0.21 -9.56 20.04
N ASN A 115 0.92 -10.15 20.42
CA ASN A 115 1.06 -10.80 21.73
C ASN A 115 -0.06 -11.82 21.95
N GLN A 116 -0.34 -12.60 20.90
CA GLN A 116 -1.38 -13.61 20.92
C GLN A 116 -0.84 -14.92 20.37
N PRO A 117 -1.20 -16.05 20.97
CA PRO A 117 -0.76 -17.34 20.43
C PRO A 117 -1.53 -17.69 19.18
N GLN A 118 -1.02 -18.69 18.45
CA GLN A 118 -1.72 -19.19 17.28
C GLN A 118 -3.04 -19.84 17.63
N SER A 119 -3.20 -20.29 18.89
CA SER A 119 -4.45 -20.92 19.30
C SER A 119 -5.60 -19.92 19.33
N GLU A 120 -5.32 -18.68 19.75
CA GLU A 120 -6.36 -17.66 19.84
C GLU A 120 -6.94 -17.28 18.48
N TRP A 121 -6.21 -17.54 17.40
CA TRP A 121 -6.68 -17.22 16.05
C TRP A 121 -7.22 -18.44 15.30
N PHE A 122 -6.59 -19.61 15.45
CA PHE A 122 -7.09 -20.81 14.82
C PHE A 122 -8.45 -21.20 15.39
N GLY A 123 -9.26 -21.85 14.55
CA GLY A 123 -10.62 -22.19 14.94
C GLY A 123 -11.46 -20.99 15.28
N SER A 124 -11.06 -19.80 14.82
CA SER A 124 -11.77 -18.57 15.13
C SER A 124 -12.13 -17.85 13.83
N THR A 125 -12.61 -16.61 13.93
CA THR A 125 -12.97 -15.83 12.74
C THR A 125 -12.46 -14.40 12.91
N LEU A 126 -12.09 -13.78 11.79
CA LEU A 126 -11.42 -12.48 11.81
C LEU A 126 -12.29 -11.41 12.47
N TYR A 127 -13.61 -11.52 12.35
CA TYR A 127 -14.48 -10.58 13.04
C TYR A 127 -14.37 -10.69 14.55
N ASP A 128 -14.09 -11.89 15.07
CA ASP A 128 -13.89 -12.07 16.50
C ASP A 128 -12.56 -11.54 16.96
N GLN A 129 -11.62 -11.28 16.06
CA GLN A 129 -10.30 -10.80 16.40
C GLN A 129 -10.13 -9.29 16.23
N VAL A 130 -11.12 -8.62 15.66
CA VAL A 130 -11.03 -7.18 15.44
C VAL A 130 -12.02 -6.47 16.36
N HIS A 131 -11.88 -5.15 16.44
CA HIS A 131 -12.78 -4.34 17.25
C HIS A 131 -14.18 -4.35 16.62
N PRO A 132 -15.23 -4.44 17.44
CA PRO A 132 -16.59 -4.45 16.89
C PRO A 132 -16.89 -3.29 15.95
N ASP A 133 -16.42 -2.08 16.27
CA ASP A 133 -16.64 -0.91 15.42
C ASP A 133 -16.02 -1.08 14.04
N ASP A 134 -15.23 -2.12 13.80
CA ASP A 134 -14.66 -2.39 12.50
C ASP A 134 -15.37 -3.49 11.74
N VAL A 135 -16.21 -4.29 12.42
CA VAL A 135 -16.76 -5.52 11.84
C VAL A 135 -17.37 -5.25 10.48
N ASP A 136 -18.32 -4.30 10.42
CA ASP A 136 -18.99 -3.99 9.16
C ASP A 136 -17.98 -3.61 8.09
N LYS A 137 -17.03 -2.73 8.43
CA LYS A 137 -15.97 -2.38 7.49
C LYS A 137 -15.27 -3.64 6.98
N LEU A 138 -14.89 -4.53 7.91
CA LEU A 138 -14.26 -5.78 7.55
C LEU A 138 -15.08 -6.54 6.51
N ARG A 139 -16.41 -6.57 6.68
CA ARG A 139 -17.26 -7.29 5.74
C ARG A 139 -17.11 -6.72 4.33
N GLU A 140 -17.05 -5.39 4.21
CA GLU A 140 -16.91 -4.78 2.90
C GLU A 140 -15.59 -5.14 2.25
N GLN A 141 -14.59 -5.57 3.03
CA GLN A 141 -13.30 -5.98 2.48
C GLN A 141 -13.25 -7.48 2.18
N LEU A 142 -14.28 -8.24 2.55
CA LEU A 142 -14.28 -9.68 2.34
C LEU A 142 -15.31 -10.16 1.33
N SER A 143 -16.40 -9.44 1.14
CA SER A 143 -17.44 -9.88 0.22
C SER A 143 -16.94 -9.82 -1.22
N THR A 144 -17.37 -10.79 -2.03
CA THR A 144 -16.96 -10.90 -3.43
C THR A 144 -15.44 -10.91 -3.58
N SER A 176 -8.99 -8.38 -6.71
CA SER A 176 -7.65 -8.88 -6.46
C SER A 176 -7.09 -8.32 -5.15
N ARG A 177 -6.45 -7.16 -5.22
CA ARG A 177 -5.76 -6.60 -4.06
C ARG A 177 -6.75 -6.06 -3.04
N ARG A 178 -6.29 -6.00 -1.78
CA ARG A 178 -7.05 -5.43 -0.68
C ARG A 178 -6.07 -4.78 0.28
N SER A 179 -6.51 -3.68 0.90
CA SER A 179 -5.69 -3.01 1.90
C SER A 179 -6.61 -2.18 2.79
N PHE A 180 -6.52 -2.39 4.09
CA PHE A 180 -7.38 -1.70 5.05
C PHE A 180 -6.64 -1.53 6.36
N ILE A 181 -7.34 -0.94 7.33
CA ILE A 181 -6.82 -0.68 8.66
C ILE A 181 -7.89 -1.03 9.67
N CYS A 182 -7.55 -1.84 10.67
CA CYS A 182 -8.52 -2.25 11.68
C CYS A 182 -7.84 -2.20 13.05
N ARG A 183 -8.54 -2.70 14.06
CA ARG A 183 -8.04 -2.74 15.43
C ARG A 183 -8.16 -4.17 15.93
N MET A 184 -7.01 -4.80 16.20
CA MET A 184 -6.98 -6.20 16.59
C MET A 184 -6.71 -6.36 18.08
N ARG A 185 -7.19 -7.47 18.63
CA ARG A 185 -7.07 -7.76 20.05
C ARG A 185 -5.63 -8.13 20.42
N CYS A 186 -5.40 -8.26 21.72
CA CYS A 186 -4.07 -8.61 22.24
C CYS A 186 -4.18 -9.54 23.45
N GLU A 217 -8.99 -5.81 31.59
CA GLU A 217 -9.58 -5.18 30.41
C GLU A 217 -8.89 -5.64 29.12
N PRO A 218 -9.66 -5.74 28.04
CA PRO A 218 -9.07 -6.06 26.74
C PRO A 218 -8.39 -4.84 26.13
N HIS A 219 -7.48 -5.11 25.19
CA HIS A 219 -6.70 -4.08 24.54
C HIS A 219 -6.69 -4.30 23.04
N PHE A 220 -6.60 -3.20 22.30
CA PHE A 220 -6.61 -3.22 20.84
C PHE A 220 -5.44 -2.43 20.30
N VAL A 221 -4.94 -2.87 19.15
CA VAL A 221 -3.85 -2.18 18.45
C VAL A 221 -4.26 -1.97 16.99
N VAL A 222 -3.95 -0.79 16.47
CA VAL A 222 -4.22 -0.47 15.08
C VAL A 222 -3.30 -1.30 14.20
N VAL A 223 -3.89 -2.10 13.31
CA VAL A 223 -3.16 -2.99 12.42
C VAL A 223 -3.50 -2.64 10.99
N HIS A 224 -2.47 -2.41 10.18
N HIS A 224 -2.47 -2.41 10.18
CA HIS A 224 -2.64 -2.18 8.75
CA HIS A 224 -2.62 -2.19 8.75
C HIS A 224 -2.48 -3.52 8.03
C HIS A 224 -2.49 -3.53 8.04
N CYS A 225 -3.53 -3.92 7.30
CA CYS A 225 -3.56 -5.18 6.58
C CYS A 225 -3.50 -4.91 5.09
N THR A 226 -2.65 -5.65 4.38
CA THR A 226 -2.64 -5.61 2.92
C THR A 226 -2.46 -7.03 2.39
N GLY A 227 -3.25 -7.39 1.39
CA GLY A 227 -3.22 -8.73 0.83
C GLY A 227 -4.02 -8.87 -0.45
N TYR A 228 -4.54 -10.07 -0.71
CA TYR A 228 -5.23 -10.35 -1.96
C TYR A 228 -6.27 -11.43 -1.75
N ILE A 229 -7.07 -11.66 -2.79
CA ILE A 229 -8.14 -12.66 -2.78
C ILE A 229 -7.68 -13.82 -3.68
N LYS A 230 -7.48 -14.98 -3.08
CA LYS A 230 -7.01 -16.16 -3.78
C LYS A 230 -8.10 -17.22 -3.81
N ALA A 231 -8.23 -17.90 -4.95
CA ALA A 231 -9.20 -18.97 -5.07
C ALA A 231 -8.75 -20.17 -4.24
N TRP A 232 -9.61 -20.62 -3.34
CA TRP A 232 -9.40 -21.74 -2.43
C TRP A 232 -9.97 -23.02 -3.05
N PRO A 233 -9.34 -24.19 -2.85
CA PRO A 233 -8.09 -24.43 -2.10
C PRO A 233 -6.84 -24.08 -2.90
N PRO A 234 -5.72 -23.84 -2.22
CA PRO A 234 -4.50 -23.44 -2.93
C PRO A 234 -3.88 -24.62 -3.66
N ALA A 235 -3.32 -24.34 -4.83
CA ALA A 235 -2.69 -25.38 -5.62
C ALA A 235 -1.40 -25.85 -4.96
N GLY A 236 -1.11 -27.14 -5.13
CA GLY A 236 0.09 -27.74 -4.57
C GLY A 236 -0.04 -28.21 -3.14
N VAL A 237 -0.96 -27.65 -2.36
CA VAL A 237 -1.16 -28.03 -0.97
C VAL A 237 -2.18 -29.16 -0.93
N SER A 238 -1.79 -30.28 -0.34
CA SER A 238 -2.66 -31.45 -0.26
C SER A 238 -3.66 -31.28 0.89
N LEU A 239 -4.92 -31.58 0.61
CA LEU A 239 -5.98 -31.49 1.61
C LEU A 239 -6.47 -32.90 1.94
N PRO A 240 -6.05 -33.49 3.05
CA PRO A 240 -6.45 -34.87 3.34
C PRO A 240 -7.93 -34.97 3.66
N ASP A 241 -8.42 -36.22 3.67
CA ASP A 241 -9.83 -36.47 3.92
C ASP A 241 -10.19 -36.15 5.36
N ASP A 242 -9.37 -36.57 6.31
CA ASP A 242 -9.62 -36.35 7.73
C ASP A 242 -9.03 -35.04 8.24
N ASP A 243 -9.13 -33.97 7.46
CA ASP A 243 -8.63 -32.65 7.81
C ASP A 243 -9.80 -31.71 8.12
N PRO A 244 -9.66 -30.84 9.13
CA PRO A 244 -10.75 -29.91 9.45
C PRO A 244 -11.18 -29.03 8.28
N GLU A 245 -10.33 -28.87 7.27
CA GLU A 245 -10.67 -28.05 6.10
C GLU A 245 -11.49 -28.81 5.07
N ALA A 246 -11.58 -30.15 5.19
CA ALA A 246 -12.18 -30.94 4.13
C ALA A 246 -13.65 -30.61 3.93
N GLY A 247 -14.36 -30.29 5.01
CA GLY A 247 -15.78 -30.01 4.92
C GLY A 247 -16.16 -28.56 4.78
N GLN A 248 -15.19 -27.64 4.84
CA GLN A 248 -15.51 -26.22 4.78
C GLN A 248 -16.04 -25.83 3.40
N GLY A 249 -15.26 -26.11 2.36
CA GLY A 249 -15.69 -25.78 1.00
C GLY A 249 -15.66 -24.32 0.65
N SER A 250 -14.72 -23.56 1.22
CA SER A 250 -14.60 -22.14 0.89
C SER A 250 -14.11 -21.97 -0.55
N LYS A 251 -14.63 -20.95 -1.23
CA LYS A 251 -14.30 -20.70 -2.62
C LYS A 251 -13.26 -19.61 -2.82
N PHE A 252 -13.21 -18.61 -1.94
CA PHE A 252 -12.20 -17.57 -1.98
C PHE A 252 -11.68 -17.31 -0.58
N CYS A 253 -10.46 -16.80 -0.51
CA CYS A 253 -9.83 -16.49 0.77
C CYS A 253 -9.01 -15.22 0.68
N LEU A 254 -9.05 -14.41 1.73
CA LEU A 254 -8.16 -13.27 1.87
C LEU A 254 -6.84 -13.73 2.48
N VAL A 255 -5.77 -13.62 1.70
CA VAL A 255 -4.41 -13.88 2.16
C VAL A 255 -3.75 -12.53 2.35
N ALA A 256 -3.43 -12.17 3.59
CA ALA A 256 -2.96 -10.82 3.88
C ALA A 256 -1.83 -10.84 4.90
N ILE A 257 -1.12 -9.72 4.96
CA ILE A 257 -0.11 -9.44 5.97
C ILE A 257 -0.64 -8.31 6.84
N GLY A 258 -0.53 -8.47 8.16
CA GLY A 258 -0.90 -7.43 9.10
C GLY A 258 0.34 -6.90 9.82
N ARG A 259 0.44 -5.57 9.86
CA ARG A 259 1.57 -4.89 10.50
C ARG A 259 1.07 -3.88 11.54
N LEU A 260 1.87 -3.68 12.58
CA LEU A 260 1.56 -2.66 13.57
C LEU A 260 1.98 -1.28 13.08
N GLN A 261 1.20 -0.27 13.43
CA GLN A 261 1.51 1.11 13.09
C GLN A 261 0.62 2.09 13.87
N PRO A 277 0.13 28.37 13.96
CA PRO A 277 -0.95 29.35 13.97
C PRO A 277 -1.79 29.32 12.69
N THR A 278 -2.54 28.24 12.49
CA THR A 278 -3.34 28.08 11.28
C THR A 278 -4.76 27.63 11.64
N GLU A 279 -5.56 27.29 10.62
CA GLU A 279 -6.95 26.93 10.83
C GLU A 279 -7.34 25.83 9.84
N PHE A 280 -8.46 25.18 10.13
CA PHE A 280 -9.03 24.19 9.22
C PHE A 280 -10.54 24.19 9.37
N ILE A 281 -11.23 23.90 8.27
CA ILE A 281 -12.68 23.87 8.25
C ILE A 281 -13.16 22.44 8.45
N SER A 282 -14.41 22.30 8.85
CA SER A 282 -14.99 21.00 9.11
C SER A 282 -16.50 21.09 9.01
N ARG A 283 -17.13 19.93 8.85
CA ARG A 283 -18.58 19.79 8.79
C ARG A 283 -19.00 18.71 9.76
N HIS A 284 -19.95 19.06 10.64
CA HIS A 284 -20.46 18.15 11.65
C HIS A 284 -21.97 17.99 11.48
N ASN A 285 -22.51 16.92 12.08
CA ASN A 285 -23.95 16.84 12.25
C ASN A 285 -24.34 17.61 13.51
N ILE A 286 -25.63 17.63 13.73
CA ILE A 286 -26.24 18.36 14.86
C ILE A 286 -25.67 17.88 16.19
N GLU A 287 -25.11 16.70 16.24
CA GLU A 287 -24.60 16.10 17.46
C GLU A 287 -23.12 16.36 17.69
N GLY A 288 -22.38 16.77 16.65
CA GLY A 288 -20.98 17.07 16.77
C GLY A 288 -20.04 16.09 16.11
N ILE A 289 -20.55 15.13 15.34
CA ILE A 289 -19.73 14.13 14.70
C ILE A 289 -19.05 14.74 13.48
N PHE A 290 -17.72 14.61 13.41
CA PHE A 290 -16.98 15.04 12.23
C PHE A 290 -17.43 14.25 11.00
N THR A 291 -18.14 14.92 10.08
CA THR A 291 -18.52 14.29 8.82
C THR A 291 -17.69 14.76 7.64
N PHE A 292 -17.01 15.90 7.77
CA PHE A 292 -16.06 16.36 6.76
C PHE A 292 -14.91 17.06 7.48
N VAL A 293 -13.67 16.72 7.13
CA VAL A 293 -12.49 17.28 7.78
C VAL A 293 -11.53 17.80 6.71
N ASP A 294 -11.17 19.07 6.81
CA ASP A 294 -10.16 19.65 5.94
C ASP A 294 -8.81 18.97 6.18
N HIS A 295 -8.01 18.90 5.12
CA HIS A 295 -6.68 18.31 5.25
C HIS A 295 -5.74 19.16 6.10
N ARG A 296 -6.08 20.44 6.33
CA ARG A 296 -5.24 21.32 7.12
C ARG A 296 -5.20 20.94 8.60
N CYS A 297 -6.11 20.07 9.05
CA CYS A 297 -6.13 19.66 10.44
C CYS A 297 -4.78 19.10 10.89
N VAL A 298 -4.05 18.46 9.97
CA VAL A 298 -2.73 17.93 10.30
C VAL A 298 -1.84 19.03 10.85
N ALA A 299 -1.84 20.18 10.18
CA ALA A 299 -1.02 21.31 10.63
C ALA A 299 -1.63 22.06 11.80
N THR A 300 -2.88 21.78 12.15
CA THR A 300 -3.60 22.53 13.17
C THR A 300 -3.72 21.77 14.49
N VAL A 301 -4.01 20.47 14.44
CA VAL A 301 -4.17 19.66 15.64
C VAL A 301 -3.36 18.37 15.59
N GLY A 302 -2.61 18.14 14.51
CA GLY A 302 -1.75 16.97 14.42
C GLY A 302 -2.43 15.68 14.02
N TYR A 303 -3.73 15.70 13.78
CA TYR A 303 -4.47 14.50 13.42
C TYR A 303 -4.65 14.43 11.91
N GLN A 304 -4.71 13.21 11.40
CA GLN A 304 -5.13 12.99 10.03
C GLN A 304 -6.66 13.04 9.95
N PRO A 305 -7.22 13.44 8.80
CA PRO A 305 -8.68 13.52 8.69
C PRO A 305 -9.40 12.24 9.08
N GLN A 306 -8.82 11.07 8.77
CA GLN A 306 -9.46 9.82 9.15
C GLN A 306 -9.48 9.63 10.67
N GLU A 307 -8.55 10.26 11.38
CA GLU A 307 -8.56 10.17 12.84
C GLU A 307 -9.66 11.00 13.46
N LEU A 308 -10.19 11.99 12.74
CA LEU A 308 -11.27 12.84 13.22
C LEU A 308 -12.64 12.41 12.72
N LEU A 309 -12.73 12.00 11.46
CA LEU A 309 -14.01 11.62 10.88
C LEU A 309 -14.67 10.51 11.70
N GLY A 310 -15.95 10.70 12.01
CA GLY A 310 -16.71 9.78 12.81
C GLY A 310 -16.70 10.10 14.29
N LYS A 311 -15.62 10.67 14.80
CA LYS A 311 -15.54 11.04 16.21
C LYS A 311 -16.31 12.33 16.46
N ASN A 312 -16.86 12.44 17.67
CA ASN A 312 -17.49 13.68 18.09
C ASN A 312 -16.44 14.68 18.53
N ILE A 313 -16.64 15.94 18.15
CA ILE A 313 -15.66 16.97 18.48
C ILE A 313 -15.55 17.14 19.99
N VAL A 314 -16.64 16.89 20.71
CA VAL A 314 -16.63 17.04 22.17
C VAL A 314 -15.68 16.04 22.82
N GLU A 315 -15.41 14.92 22.15
CA GLU A 315 -14.44 13.96 22.66
C GLU A 315 -13.04 14.57 22.75
N PHE A 316 -12.75 15.56 21.90
CA PHE A 316 -11.45 16.22 21.89
C PHE A 316 -11.42 17.47 22.74
N CYS A 317 -12.49 17.76 23.48
CA CYS A 317 -12.62 19.00 24.21
C CYS A 317 -12.33 18.80 25.69
N HIS A 318 -11.74 19.84 26.30
CA HIS A 318 -11.43 19.81 27.71
C HIS A 318 -12.71 19.69 28.53
N PRO A 319 -12.73 18.88 29.59
CA PRO A 319 -13.98 18.69 30.35
C PRO A 319 -14.57 19.99 30.88
N GLU A 320 -13.73 20.99 31.17
CA GLU A 320 -14.25 22.28 31.57
C GLU A 320 -14.95 22.99 30.42
N ASP A 321 -14.42 22.84 29.21
CA ASP A 321 -14.96 23.49 28.02
C ASP A 321 -16.01 22.66 27.31
N GLN A 322 -16.27 21.44 27.78
CA GLN A 322 -17.15 20.54 27.03
C GLN A 322 -18.59 21.04 27.03
N GLN A 323 -19.09 21.47 28.18
CA GLN A 323 -20.47 21.99 28.22
C GLN A 323 -20.60 23.27 27.40
N LEU A 324 -19.57 24.11 27.41
CA LEU A 324 -19.60 25.32 26.58
C LEU A 324 -19.68 24.96 25.11
N LEU A 325 -18.84 24.02 24.66
CA LEU A 325 -18.86 23.60 23.27
C LEU A 325 -20.20 22.97 22.90
N ARG A 326 -20.77 22.17 23.81
CA ARG A 326 -22.03 21.52 23.55
C ARG A 326 -23.17 22.53 23.45
N ASP A 327 -23.17 23.53 24.34
CA ASP A 327 -24.19 24.57 24.26
C ASP A 327 -24.02 25.42 23.00
N SER A 328 -22.78 25.61 22.54
CA SER A 328 -22.57 26.31 21.28
C SER A 328 -23.15 25.52 20.12
N PHE A 329 -22.87 24.22 20.07
CA PHE A 329 -23.42 23.37 19.01
C PHE A 329 -24.94 23.31 19.08
N GLN A 330 -25.51 23.43 20.28
CA GLN A 330 -26.97 23.40 20.42
C GLN A 330 -27.59 24.73 20.01
N GLN A 331 -26.93 25.85 20.32
CA GLN A 331 -27.50 27.16 20.04
C GLN A 331 -27.34 27.55 18.58
N VAL A 332 -26.28 27.09 17.91
CA VAL A 332 -26.12 27.41 16.50
C VAL A 332 -27.24 26.79 15.67
N VAL A 333 -27.83 25.69 16.16
CA VAL A 333 -28.94 25.07 15.45
C VAL A 333 -30.21 25.90 15.58
N LYS A 334 -30.44 26.47 16.75
CA LYS A 334 -31.63 27.29 16.97
C LYS A 334 -31.55 28.60 16.19
N LEU A 335 -30.34 29.11 15.98
CA LEU A 335 -30.13 30.39 15.31
C LEU A 335 -29.52 30.15 13.94
N LYS A 336 -30.34 29.60 13.05
CA LYS A 336 -29.85 29.26 11.71
C LYS A 336 -29.47 30.52 10.94
N GLY A 337 -28.27 30.52 10.38
CA GLY A 337 -27.76 31.69 9.68
C GLY A 337 -26.77 32.47 10.51
N GLN A 338 -27.06 32.60 11.80
CA GLN A 338 -26.15 33.31 12.70
C GLN A 338 -24.88 32.51 12.94
N VAL A 339 -23.77 33.23 13.10
CA VAL A 339 -22.46 32.63 13.32
C VAL A 339 -22.13 32.72 14.81
N LEU A 340 -21.75 31.59 15.40
CA LEU A 340 -21.43 31.52 16.82
C LEU A 340 -20.00 31.08 16.99
N SER A 341 -19.20 31.87 17.70
CA SER A 341 -17.81 31.58 17.96
C SER A 341 -17.63 31.12 19.40
N VAL A 342 -16.69 30.20 19.61
CA VAL A 342 -16.44 29.66 20.94
C VAL A 342 -14.98 29.28 21.05
N MET A 343 -14.38 29.53 22.21
CA MET A 343 -13.01 29.13 22.49
C MET A 343 -13.01 27.93 23.42
N PHE A 344 -12.16 26.95 23.11
CA PHE A 344 -12.05 25.77 23.94
C PHE A 344 -10.64 25.19 23.82
N ARG A 345 -10.41 24.08 24.52
CA ARG A 345 -9.12 23.42 24.55
C ARG A 345 -9.23 22.10 23.79
N PHE A 346 -8.57 22.02 22.65
CA PHE A 346 -8.55 20.83 21.81
C PHE A 346 -7.33 19.98 22.18
N ARG A 347 -7.56 18.69 22.38
CA ARG A 347 -6.46 17.76 22.69
C ARG A 347 -5.74 17.42 21.40
N SER A 348 -4.50 17.88 21.28
CA SER A 348 -3.74 17.74 20.03
C SER A 348 -3.30 16.29 19.84
N LYS A 349 -2.51 16.05 18.81
CA LYS A 349 -2.02 14.70 18.53
C LYS A 349 -1.10 14.21 19.63
N ASN A 350 -0.32 15.11 20.23
CA ASN A 350 0.60 14.77 21.30
C ASN A 350 -0.05 14.83 22.68
N GLN A 351 -1.37 14.70 22.75
CA GLN A 351 -2.11 14.80 24.01
C GLN A 351 -1.80 16.12 24.71
N GLU A 352 -1.66 17.18 23.92
CA GLU A 352 -1.38 18.52 24.41
C GLU A 352 -2.58 19.42 24.15
N TRP A 353 -2.88 20.30 25.11
CA TRP A 353 -4.02 21.19 24.99
C TRP A 353 -3.66 22.41 24.15
N LEU A 354 -4.47 22.68 23.12
CA LEU A 354 -4.31 23.85 22.27
C LEU A 354 -5.58 24.68 22.34
N TRP A 355 -5.42 26.00 22.46
CA TRP A 355 -6.57 26.88 22.51
C TRP A 355 -7.08 27.11 21.08
N MET A 356 -8.32 26.71 20.83
CA MET A 356 -8.93 26.78 19.51
C MET A 356 -10.16 27.67 19.56
N ARG A 357 -10.32 28.48 18.52
CA ARG A 357 -11.53 29.29 18.30
C ARG A 357 -12.30 28.65 17.15
N THR A 358 -13.47 28.12 17.44
CA THR A 358 -14.34 27.50 16.46
C THR A 358 -15.53 28.42 16.19
N SER A 359 -15.67 28.84 14.95
CA SER A 359 -16.82 29.65 14.51
C SER A 359 -17.71 28.76 13.65
N SER A 360 -18.96 28.60 14.07
CA SER A 360 -19.87 27.65 13.46
C SER A 360 -21.12 28.34 12.94
N PHE A 361 -21.63 27.85 11.82
CA PHE A 361 -22.93 28.26 11.30
C PHE A 361 -23.57 27.06 10.62
N THR A 362 -24.81 27.22 10.18
CA THR A 362 -25.58 26.12 9.62
C THR A 362 -25.81 26.32 8.13
N PHE A 363 -25.93 25.20 7.41
CA PHE A 363 -26.21 25.18 5.98
C PHE A 363 -27.66 24.76 5.78
N GLN A 364 -28.46 25.65 5.22
CA GLN A 364 -29.88 25.41 5.00
C GLN A 364 -30.12 24.91 3.59
N ASN A 365 -31.02 23.94 3.45
CA ASN A 365 -31.40 23.44 2.14
C ASN A 365 -32.13 24.54 1.38
N PRO A 366 -31.74 24.84 0.14
CA PRO A 366 -32.40 25.92 -0.61
C PRO A 366 -33.89 25.70 -0.85
N TYR A 367 -34.40 24.48 -0.68
CA TYR A 367 -35.81 24.20 -0.87
C TYR A 367 -36.56 24.04 0.45
N SER A 368 -36.18 23.04 1.25
CA SER A 368 -36.87 22.74 2.49
C SER A 368 -36.41 23.57 3.67
N ASP A 369 -35.30 24.30 3.53
CA ASP A 369 -34.74 25.13 4.59
C ASP A 369 -34.42 24.31 5.84
N GLU A 370 -34.05 23.05 5.66
CA GLU A 370 -33.63 22.20 6.76
C GLU A 370 -32.12 22.25 6.91
N ILE A 371 -31.63 21.86 8.08
CA ILE A 371 -30.20 21.93 8.39
C ILE A 371 -29.54 20.67 7.84
N GLU A 372 -28.66 20.84 6.85
CA GLU A 372 -27.90 19.71 6.33
C GLU A 372 -26.78 19.33 7.27
N TYR A 373 -26.04 20.31 7.76
CA TYR A 373 -24.91 20.11 8.66
C TYR A 373 -24.47 21.46 9.20
N ILE A 374 -23.43 21.43 10.03
CA ILE A 374 -22.86 22.61 10.66
C ILE A 374 -21.44 22.79 10.13
N ILE A 375 -21.17 23.97 9.56
CA ILE A 375 -19.84 24.30 9.08
C ILE A 375 -19.09 25.02 10.19
N CYS A 376 -17.95 24.49 10.57
CA CYS A 376 -17.08 25.05 11.59
C CYS A 376 -15.75 25.46 10.97
N THR A 377 -15.23 26.59 11.42
CA THR A 377 -13.87 27.02 11.12
C THR A 377 -13.12 27.02 12.44
N ASN A 378 -12.16 26.11 12.59
CA ASN A 378 -11.41 25.93 13.83
C ASN A 378 -10.01 26.51 13.64
N THR A 379 -9.68 27.53 14.43
CA THR A 379 -8.46 28.29 14.26
C THR A 379 -7.60 28.18 15.52
N ASN A 380 -6.30 27.96 15.32
CA ASN A 380 -5.34 28.02 16.41
C ASN A 380 -5.29 29.43 16.98
N VAL A 381 -5.08 29.52 18.30
CA VAL A 381 -5.01 30.81 18.97
C VAL A 381 -3.68 30.96 19.69
N SER B 9 45.10 -29.85 -30.47
CA SER B 9 44.89 -28.93 -29.35
C SER B 9 46.15 -28.12 -29.06
N ASN B 10 46.04 -27.20 -28.11
CA ASN B 10 47.17 -26.38 -27.69
C ASN B 10 46.92 -25.90 -26.26
N PRO B 11 47.97 -25.52 -25.53
CA PRO B 11 47.79 -25.18 -24.10
C PRO B 11 46.69 -24.17 -23.81
N SER B 12 46.62 -23.09 -24.60
CA SER B 12 45.58 -22.09 -24.39
C SER B 12 44.19 -22.70 -24.53
N LYS B 13 44.00 -23.50 -25.59
CA LYS B 13 42.70 -24.14 -25.82
C LYS B 13 42.32 -25.05 -24.66
N ARG B 14 43.28 -25.86 -24.18
CA ARG B 14 42.96 -26.80 -23.10
C ARG B 14 42.66 -26.08 -21.79
N HIS B 15 43.41 -25.02 -21.49
CA HIS B 15 43.12 -24.25 -20.27
C HIS B 15 41.75 -23.58 -20.36
N ARG B 16 41.43 -22.99 -21.51
CA ARG B 16 40.12 -22.37 -21.69
C ARG B 16 39.01 -23.41 -21.60
N ASP B 17 39.26 -24.62 -22.11
CA ASP B 17 38.25 -25.67 -22.03
C ASP B 17 38.03 -26.12 -20.58
N ARG B 18 39.10 -26.21 -19.80
CA ARG B 18 38.94 -26.54 -18.38
C ARG B 18 38.15 -25.45 -17.65
N LEU B 19 38.48 -24.19 -17.93
CA LEU B 19 37.74 -23.09 -17.32
C LEU B 19 36.26 -23.14 -17.70
N ASN B 20 35.97 -23.42 -18.97
CA ASN B 20 34.59 -23.45 -19.41
C ASN B 20 33.84 -24.65 -18.84
N THR B 21 34.52 -25.78 -18.66
CA THR B 21 33.87 -26.91 -18.00
C THR B 21 33.50 -26.57 -16.56
N GLU B 22 34.42 -25.90 -15.84
CA GLU B 22 34.09 -25.48 -14.49
C GLU B 22 32.94 -24.47 -14.48
N LEU B 23 32.89 -23.59 -15.49
CA LEU B 23 31.80 -22.63 -15.56
C LEU B 23 30.47 -23.32 -15.83
N ASP B 24 30.47 -24.36 -16.67
CA ASP B 24 29.24 -25.11 -16.91
C ASP B 24 28.82 -25.89 -15.65
N ARG B 25 29.79 -26.41 -14.90
CA ARG B 25 29.48 -27.03 -13.62
C ARG B 25 28.82 -26.04 -12.67
N LEU B 26 29.34 -24.82 -12.60
CA LEU B 26 28.72 -23.80 -11.77
C LEU B 26 27.31 -23.47 -12.26
N ALA B 27 27.12 -23.42 -13.58
CA ALA B 27 25.82 -23.05 -14.12
C ALA B 27 24.78 -24.13 -13.83
N SER B 28 25.19 -25.40 -13.86
CA SER B 28 24.24 -26.48 -13.61
C SER B 28 23.78 -26.54 -12.16
N LEU B 29 24.49 -25.86 -11.25
CA LEU B 29 24.14 -25.87 -9.83
C LEU B 29 23.34 -24.65 -9.40
N LEU B 30 23.17 -23.66 -10.27
CA LEU B 30 22.47 -22.45 -9.89
C LEU B 30 21.00 -22.75 -9.60
N PRO B 31 20.42 -22.18 -8.54
CA PRO B 31 19.03 -22.46 -8.17
C PRO B 31 18.02 -21.71 -9.01
N PHE B 32 18.06 -21.95 -10.32
CA PHE B 32 17.14 -21.36 -11.27
C PHE B 32 16.64 -22.44 -12.21
N PRO B 33 15.47 -22.24 -12.83
CA PRO B 33 15.00 -23.21 -13.82
C PRO B 33 15.98 -23.36 -14.96
N GLN B 34 15.84 -24.48 -15.69
CA GLN B 34 16.79 -24.78 -16.75
C GLN B 34 16.70 -23.79 -17.91
N ASP B 35 15.50 -23.29 -18.20
CA ASP B 35 15.37 -22.30 -19.26
C ASP B 35 16.05 -20.99 -18.91
N VAL B 36 16.10 -20.66 -17.61
CA VAL B 36 16.83 -19.48 -17.17
C VAL B 36 18.33 -19.72 -17.26
N ILE B 37 18.77 -20.94 -16.90
CA ILE B 37 20.20 -21.24 -16.88
C ILE B 37 20.76 -21.26 -18.30
N ASN B 38 20.01 -21.83 -19.25
CA ASN B 38 20.55 -22.02 -20.59
C ASN B 38 20.81 -20.69 -21.29
N LYS B 39 20.01 -19.65 -21.00
CA LYS B 39 20.17 -18.35 -21.63
C LYS B 39 21.08 -17.43 -20.82
N LEU B 40 21.92 -17.98 -19.95
CA LEU B 40 22.85 -17.19 -19.14
C LEU B 40 24.22 -17.14 -19.80
N ASP B 41 24.98 -16.10 -19.48
CA ASP B 41 26.35 -15.95 -19.93
C ASP B 41 27.30 -16.19 -18.77
N LYS B 42 28.58 -16.39 -19.12
CA LYS B 42 29.59 -16.76 -18.12
C LYS B 42 29.64 -15.75 -16.98
N LEU B 43 29.64 -14.46 -17.32
CA LEU B 43 29.66 -13.42 -16.30
C LEU B 43 28.44 -13.53 -15.38
N SER B 44 27.26 -13.73 -15.96
CA SER B 44 26.06 -13.90 -15.15
C SER B 44 26.12 -15.17 -14.32
N VAL B 45 26.72 -16.23 -14.87
CA VAL B 45 26.86 -17.47 -14.10
C VAL B 45 27.69 -17.22 -12.84
N LEU B 46 28.85 -16.59 -13.01
CA LEU B 46 29.70 -16.30 -11.85
C LEU B 46 29.00 -15.34 -10.88
N ARG B 47 28.30 -14.34 -11.42
CA ARG B 47 27.62 -13.37 -10.57
C ARG B 47 26.55 -14.03 -9.73
N LEU B 48 25.74 -14.89 -10.34
CA LEU B 48 24.67 -15.56 -9.59
C LEU B 48 25.23 -16.61 -8.64
N SER B 49 26.36 -17.23 -8.98
CA SER B 49 27.01 -18.14 -8.04
C SER B 49 27.48 -17.39 -6.80
N VAL B 50 28.16 -16.26 -7.00
CA VAL B 50 28.58 -15.43 -5.88
C VAL B 50 27.38 -15.00 -5.05
N SER B 51 26.30 -14.60 -5.72
CA SER B 51 25.11 -14.13 -5.03
C SER B 51 24.51 -15.24 -4.17
N TYR B 52 24.39 -16.44 -4.73
CA TYR B 52 23.85 -17.56 -3.97
C TYR B 52 24.72 -17.87 -2.76
N LEU B 53 26.05 -17.85 -2.95
CA LEU B 53 26.94 -18.12 -1.82
C LEU B 53 26.80 -17.06 -0.73
N ARG B 54 26.72 -15.79 -1.12
CA ARG B 54 26.58 -14.73 -0.13
C ARG B 54 25.25 -14.80 0.61
N ALA B 55 24.17 -15.13 -0.11
CA ALA B 55 22.87 -15.27 0.54
C ALA B 55 22.89 -16.44 1.52
N LYS B 56 23.43 -17.59 1.11
CA LYS B 56 23.49 -18.73 2.01
C LYS B 56 24.39 -18.43 3.20
N SER B 57 25.45 -17.67 3.00
CA SER B 57 26.33 -17.31 4.11
C SER B 57 25.63 -16.39 5.10
N PHE B 58 24.80 -15.47 4.59
CA PHE B 58 24.05 -14.59 5.49
C PHE B 58 22.98 -15.35 6.25
N PHE B 59 22.22 -16.21 5.55
CA PHE B 59 21.19 -16.99 6.22
C PHE B 59 21.78 -18.03 7.16
N ASP B 60 23.04 -18.42 6.95
CA ASP B 60 23.73 -19.33 7.84
C ASP B 60 23.92 -18.75 9.22
N VAL B 61 23.70 -17.44 9.38
CA VAL B 61 23.95 -16.71 10.60
C VAL B 61 22.66 -16.10 11.12
N SER B 62 21.84 -15.57 10.22
CA SER B 62 20.62 -14.87 10.59
C SER B 62 19.45 -15.82 10.84
N LEU B 63 19.37 -16.95 10.14
CA LEU B 63 18.19 -17.78 10.14
C LEU B 63 18.37 -18.99 11.05
N LYS B 64 17.25 -19.57 11.46
CA LYS B 64 17.20 -20.71 12.37
C LYS B 64 17.87 -20.38 13.71
N GLY B 72 6.81 -22.49 11.26
CA GLY B 72 6.32 -23.66 11.97
C GLY B 72 5.03 -23.40 12.73
N VAL B 73 3.99 -24.15 12.37
CA VAL B 73 2.70 -24.02 13.06
C VAL B 73 2.82 -24.56 14.48
N GLN B 74 2.03 -23.98 15.38
CA GLN B 74 2.09 -24.35 16.79
C GLN B 74 1.83 -25.84 16.99
N ASP B 75 2.48 -26.41 18.00
CA ASP B 75 2.47 -27.86 18.18
C ASP B 75 1.08 -28.39 18.48
N ASN B 76 0.24 -27.63 19.19
CA ASN B 76 -1.12 -28.04 19.48
C ASN B 76 -2.11 -27.61 18.40
N CYS B 77 -1.62 -27.14 17.26
CA CYS B 77 -2.48 -26.71 16.15
C CYS B 77 -2.03 -27.32 14.83
N ARG B 78 -1.26 -28.41 14.87
CA ARG B 78 -0.68 -28.99 13.67
C ARG B 78 -1.71 -29.86 12.96
N THR B 79 -2.08 -29.47 11.74
CA THR B 79 -2.78 -30.34 10.81
C THR B 79 -1.98 -30.38 9.52
N LYS B 80 -2.23 -31.42 8.72
CA LYS B 80 -1.46 -31.62 7.51
C LYS B 80 -1.66 -30.46 6.53
N PHE B 81 -2.89 -29.98 6.39
CA PHE B 81 -3.15 -28.84 5.52
C PHE B 81 -2.44 -27.59 6.02
N ARG B 82 -2.43 -27.38 7.33
CA ARG B 82 -1.72 -26.23 7.88
C ARG B 82 -0.21 -26.38 7.74
N GLU B 83 0.30 -27.61 7.77
CA GLU B 83 1.72 -27.82 7.48
C GLU B 83 2.04 -27.48 6.03
N GLY B 84 1.16 -27.88 5.10
CA GLY B 84 1.36 -27.53 3.71
C GLY B 84 1.34 -26.02 3.50
N LEU B 85 0.42 -25.33 4.18
CA LEU B 85 0.41 -23.87 4.10
C LEU B 85 1.65 -23.26 4.72
N ASN B 86 2.17 -23.86 5.79
CA ASN B 86 3.40 -23.39 6.41
C ASN B 86 4.58 -23.53 5.46
N LEU B 87 4.58 -24.59 4.65
CA LEU B 87 5.66 -24.78 3.70
C LEU B 87 5.64 -23.79 2.54
N GLN B 88 4.61 -22.93 2.46
CA GLN B 88 4.55 -21.89 1.44
C GLN B 88 4.30 -20.51 2.01
N GLU B 89 4.21 -20.38 3.33
CA GLU B 89 4.11 -19.11 4.04
C GLU B 89 4.95 -17.99 3.44
N GLY B 90 6.18 -18.30 3.02
CA GLY B 90 7.02 -17.28 2.42
C GLY B 90 6.47 -16.75 1.11
N GLU B 91 6.08 -17.66 0.20
CA GLU B 91 5.47 -17.23 -1.05
C GLU B 91 4.14 -16.52 -0.81
N PHE B 92 3.39 -16.95 0.21
CA PHE B 92 2.15 -16.25 0.54
C PHE B 92 2.43 -14.82 0.96
N LEU B 93 3.43 -14.61 1.81
CA LEU B 93 3.83 -13.25 2.18
C LEU B 93 4.25 -12.46 0.95
N LEU B 94 5.03 -13.08 0.06
CA LEU B 94 5.50 -12.38 -1.14
C LEU B 94 4.33 -11.94 -2.00
N GLN B 95 3.33 -12.81 -2.17
CA GLN B 95 2.17 -12.46 -2.99
C GLN B 95 1.28 -11.44 -2.29
N ALA B 96 1.29 -11.42 -0.96
CA ALA B 96 0.52 -10.43 -0.20
C ALA B 96 1.25 -9.10 -0.08
N LEU B 97 2.52 -9.03 -0.50
CA LEU B 97 3.26 -7.78 -0.39
C LEU B 97 2.64 -6.67 -1.23
N ASN B 98 2.06 -7.02 -2.39
CA ASN B 98 1.69 -6.05 -3.41
C ASN B 98 2.90 -5.20 -3.79
N GLY B 99 3.95 -5.88 -4.24
CA GLY B 99 5.21 -5.26 -4.55
C GLY B 99 6.32 -6.29 -4.58
N PHE B 100 7.52 -5.91 -4.14
CA PHE B 100 8.60 -6.89 -4.13
C PHE B 100 9.60 -6.55 -3.02
N VAL B 101 10.44 -7.54 -2.72
CA VAL B 101 11.49 -7.41 -1.72
C VAL B 101 12.75 -6.87 -2.38
N LEU B 102 13.53 -6.10 -1.63
CA LEU B 102 14.78 -5.56 -2.13
C LEU B 102 15.75 -5.43 -0.97
N VAL B 103 16.84 -6.18 -1.02
CA VAL B 103 17.93 -6.07 -0.07
C VAL B 103 19.13 -5.53 -0.84
N VAL B 104 19.63 -4.37 -0.40
CA VAL B 104 20.71 -3.65 -1.07
C VAL B 104 21.82 -3.37 -0.07
N THR B 105 23.07 -3.63 -0.48
CA THR B 105 24.21 -3.44 0.41
C THR B 105 24.65 -1.97 0.40
N THR B 106 25.64 -1.66 1.24
CA THR B 106 26.21 -0.32 1.26
C THR B 106 26.92 0.03 -0.04
N ASP B 107 27.37 -0.97 -0.79
CA ASP B 107 27.96 -0.75 -2.10
C ASP B 107 26.91 -0.53 -3.18
N ALA B 108 25.66 -0.29 -2.79
CA ALA B 108 24.53 -0.10 -3.71
C ALA B 108 24.31 -1.31 -4.60
N LEU B 109 24.75 -2.48 -4.17
CA LEU B 109 24.56 -3.71 -4.91
C LEU B 109 23.29 -4.41 -4.44
N VAL B 110 22.49 -4.89 -5.38
CA VAL B 110 21.25 -5.59 -5.08
C VAL B 110 21.60 -6.95 -4.49
N PHE B 111 21.63 -7.04 -3.16
CA PHE B 111 21.89 -8.32 -2.51
C PHE B 111 20.81 -9.34 -2.87
N TYR B 112 19.57 -8.87 -2.99
CA TYR B 112 18.49 -9.76 -3.41
C TYR B 112 17.29 -8.94 -3.87
N ALA B 113 16.57 -9.49 -4.83
CA ALA B 113 15.28 -8.96 -5.27
C ALA B 113 14.35 -10.13 -5.52
N SER B 114 13.15 -10.06 -4.95
CA SER B 114 12.18 -11.14 -5.13
C SER B 114 11.71 -11.20 -6.58
N SER B 115 11.16 -12.37 -6.96
CA SER B 115 10.81 -12.60 -8.35
C SER B 115 9.75 -11.61 -8.83
N THR B 116 8.83 -11.22 -7.94
CA THR B 116 7.72 -10.35 -8.32
C THR B 116 8.17 -9.01 -8.86
N ILE B 117 9.48 -8.71 -8.83
CA ILE B 117 9.96 -7.50 -9.49
C ILE B 117 9.63 -7.52 -10.97
N GLN B 118 9.70 -8.70 -11.59
CA GLN B 118 9.29 -8.81 -12.99
C GLN B 118 7.83 -8.44 -13.17
N ASP B 119 6.99 -8.73 -12.16
CA ASP B 119 5.58 -8.38 -12.24
C ASP B 119 5.36 -6.87 -12.13
N TYR B 120 6.32 -6.12 -11.58
CA TYR B 120 6.13 -4.70 -11.34
C TYR B 120 7.03 -3.79 -12.15
N LEU B 121 8.23 -4.24 -12.51
CA LEU B 121 9.14 -3.44 -13.30
C LEU B 121 9.53 -4.10 -14.62
N GLY B 122 9.32 -5.40 -14.78
CA GLY B 122 9.69 -6.09 -15.99
C GLY B 122 11.10 -6.62 -16.03
N PHE B 123 11.79 -6.63 -14.89
CA PHE B 123 13.16 -7.13 -14.81
C PHE B 123 13.17 -8.54 -14.24
N GLN B 124 13.91 -9.43 -14.89
CA GLN B 124 14.15 -10.76 -14.33
C GLN B 124 15.02 -10.64 -13.09
N GLN B 125 14.66 -11.39 -12.03
CA GLN B 125 15.43 -11.30 -10.80
C GLN B 125 16.84 -11.84 -10.97
N SER B 126 17.08 -12.66 -11.99
CA SER B 126 18.43 -13.16 -12.25
C SER B 126 19.34 -12.10 -12.88
N ASP B 127 18.76 -11.12 -13.56
CA ASP B 127 19.53 -10.04 -14.15
C ASP B 127 19.73 -8.86 -13.21
N VAL B 128 19.02 -8.83 -12.09
CA VAL B 128 19.07 -7.73 -11.15
C VAL B 128 19.97 -8.03 -9.97
N ILE B 129 19.98 -9.27 -9.51
CA ILE B 129 20.73 -9.64 -8.31
C ILE B 129 22.22 -9.40 -8.53
N HIS B 130 22.86 -8.81 -7.51
CA HIS B 130 24.29 -8.50 -7.53
C HIS B 130 24.64 -7.49 -8.63
N GLN B 131 23.73 -6.58 -8.93
CA GLN B 131 23.99 -5.46 -9.82
C GLN B 131 23.77 -4.15 -9.07
N SER B 132 24.27 -3.06 -9.64
CA SER B 132 24.10 -1.76 -9.02
C SER B 132 22.62 -1.38 -8.99
N VAL B 133 22.11 -1.05 -7.81
CA VAL B 133 20.70 -0.73 -7.68
C VAL B 133 20.38 0.56 -8.41
N TYR B 134 21.35 1.47 -8.54
CA TYR B 134 21.12 2.74 -9.22
C TYR B 134 20.73 2.54 -10.68
N GLU B 135 21.12 1.42 -11.29
CA GLU B 135 20.72 1.13 -12.66
C GLU B 135 19.21 0.99 -12.81
N LEU B 136 18.50 0.75 -11.71
CA LEU B 136 17.05 0.63 -11.74
C LEU B 136 16.34 1.86 -11.20
N ILE B 137 17.05 2.96 -10.93
CA ILE B 137 16.46 4.13 -10.31
C ILE B 137 16.54 5.31 -11.26
N HIS B 138 15.59 6.23 -11.09
CA HIS B 138 15.65 7.49 -11.81
C HIS B 138 16.79 8.33 -11.25
N THR B 139 17.50 9.03 -12.13
CA THR B 139 18.67 9.78 -11.70
C THR B 139 18.32 10.81 -10.62
N GLU B 140 17.27 11.60 -10.85
CA GLU B 140 16.83 12.59 -9.87
C GLU B 140 16.52 11.99 -8.51
N ASP B 141 16.26 10.68 -8.45
CA ASP B 141 15.99 10.01 -7.19
C ASP B 141 17.20 9.29 -6.61
N ARG B 142 18.23 9.03 -7.42
CA ARG B 142 19.38 8.26 -6.93
C ARG B 142 20.04 8.92 -5.74
N ALA B 143 20.23 10.24 -5.79
CA ALA B 143 20.84 10.95 -4.66
C ALA B 143 20.04 10.75 -3.38
N GLU B 144 18.73 10.55 -3.49
CA GLU B 144 17.93 10.29 -2.30
C GLU B 144 18.13 8.86 -1.81
N PHE B 145 18.24 7.90 -2.73
CA PHE B 145 18.27 6.49 -2.34
C PHE B 145 19.48 6.20 -1.45
N GLN B 146 20.67 6.60 -1.90
CA GLN B 146 21.85 6.41 -1.07
C GLN B 146 21.75 7.18 0.23
N ARG B 147 20.98 8.27 0.25
CA ARG B 147 20.74 8.99 1.50
C ARG B 147 20.04 8.08 2.51
N GLN B 148 19.13 7.24 2.03
CA GLN B 148 18.50 6.22 2.87
C GLN B 148 19.38 4.99 3.04
N LEU B 149 20.41 4.83 2.21
CA LEU B 149 21.33 3.71 2.37
C LEU B 149 22.35 3.96 3.46
N HIS B 150 22.66 5.22 3.74
CA HIS B 150 23.68 5.57 4.72
C HIS B 150 23.15 6.61 5.72
N MET B 190 16.70 3.48 12.75
CA MET B 190 17.01 2.38 11.84
C MET B 190 15.92 2.20 10.79
N GLU B 191 14.71 2.65 11.13
CA GLU B 191 13.57 2.49 10.22
C GLU B 191 13.70 3.42 9.02
N ARG B 192 13.11 3.00 7.91
CA ARG B 192 13.19 3.71 6.64
C ARG B 192 11.85 3.65 5.94
N CYS B 193 11.39 4.79 5.43
CA CYS B 193 10.12 4.86 4.71
C CYS B 193 10.20 6.06 3.77
N PHE B 194 10.46 5.79 2.49
CA PHE B 194 10.68 6.85 1.52
C PHE B 194 10.01 6.47 0.21
N VAL B 195 10.25 7.25 -0.84
CA VAL B 195 9.62 7.06 -2.15
C VAL B 195 10.65 7.33 -3.24
N CYS B 196 10.74 6.41 -4.21
CA CYS B 196 11.66 6.57 -5.33
C CYS B 196 10.98 6.09 -6.61
N ARG B 197 11.45 6.61 -7.74
CA ARG B 197 10.93 6.21 -9.04
C ARG B 197 11.92 5.24 -9.67
N LEU B 198 11.43 4.05 -10.04
CA LEU B 198 12.26 2.99 -10.59
C LEU B 198 11.89 2.71 -12.04
N ARG B 199 12.89 2.25 -12.80
CA ARG B 199 12.68 1.93 -14.20
C ARG B 199 11.64 0.83 -14.36
N CYS B 200 10.62 1.10 -15.17
CA CYS B 200 9.52 0.16 -15.39
C CYS B 200 9.47 -0.17 -16.89
N LEU B 201 9.79 -1.43 -17.22
CA LEU B 201 9.77 -1.87 -18.60
C LEU B 201 8.39 -2.27 -19.09
N LEU B 202 7.37 -2.23 -18.22
CA LEU B 202 6.01 -2.54 -18.62
C LEU B 202 5.32 -1.30 -19.17
N GLY B 207 9.30 4.09 -19.70
CA GLY B 207 8.70 4.81 -18.59
C GLY B 207 9.27 4.44 -17.24
N PHE B 208 8.70 5.01 -16.18
CA PHE B 208 9.12 4.75 -14.80
C PHE B 208 7.90 4.48 -13.95
N LEU B 209 8.14 4.14 -12.68
CA LEU B 209 7.07 3.89 -11.73
C LEU B 209 7.48 4.41 -10.37
N ALA B 210 6.63 5.24 -9.77
CA ALA B 210 6.87 5.72 -8.41
C ALA B 210 6.48 4.62 -7.42
N MET B 211 7.35 4.39 -6.44
CA MET B 211 7.18 3.29 -5.49
C MET B 211 7.61 3.73 -4.10
N ASN B 212 6.80 3.38 -3.12
CA ASN B 212 7.11 3.58 -1.72
C ASN B 212 7.93 2.41 -1.20
N PHE B 213 9.04 2.72 -0.56
CA PHE B 213 9.92 1.75 0.07
C PHE B 213 9.77 1.83 1.58
N GLN B 214 9.52 0.68 2.20
CA GLN B 214 9.41 0.58 3.65
C GLN B 214 10.35 -0.52 4.12
N GLY B 215 11.31 -0.18 4.97
CA GLY B 215 12.28 -1.17 5.38
C GLY B 215 13.12 -0.71 6.54
N ARG B 216 14.26 -1.39 6.71
CA ARG B 216 15.20 -1.11 7.78
C ARG B 216 16.63 -1.22 7.26
N LEU B 217 17.57 -0.79 8.11
CA LEU B 217 18.99 -0.98 7.89
C LEU B 217 19.48 -1.99 8.93
N LYS B 218 19.97 -3.14 8.45
CA LYS B 218 20.44 -4.20 9.33
C LYS B 218 21.79 -4.71 8.85
N TYR B 219 22.59 -5.19 9.80
CA TYR B 219 23.93 -5.66 9.48
C TYR B 219 23.85 -6.91 8.60
N LEU B 220 24.43 -6.85 7.40
CA LEU B 220 24.46 -7.98 6.49
C LEU B 220 25.66 -8.85 6.86
N HIS B 221 25.42 -9.81 7.75
CA HIS B 221 26.48 -10.65 8.28
C HIS B 221 26.99 -11.63 7.24
N GLY B 222 28.15 -12.21 7.51
CA GLY B 222 28.67 -13.31 6.72
C GLY B 222 29.07 -12.97 5.31
N GLN B 223 29.59 -11.76 5.08
CA GLN B 223 30.01 -11.36 3.75
C GLN B 223 31.51 -11.42 3.56
N ASN B 224 32.26 -11.76 4.61
CA ASN B 224 33.69 -12.06 4.53
C ASN B 224 34.47 -10.98 3.80
N LYS B 225 34.15 -9.73 4.10
CA LYS B 225 34.91 -8.62 3.52
C LYS B 225 36.28 -8.62 4.15
N LYS B 226 37.31 -8.78 3.33
CA LYS B 226 38.67 -8.89 3.85
C LYS B 226 39.39 -7.56 3.67
N GLY B 227 40.31 -7.28 4.57
CA GLY B 227 40.99 -6.02 4.63
C GLY B 227 42.24 -5.98 3.78
N LYS B 228 43.01 -4.92 3.98
CA LYS B 228 44.31 -4.80 3.33
C LYS B 228 45.29 -5.76 3.99
N ASP B 229 45.04 -6.07 5.25
CA ASP B 229 45.88 -6.94 6.06
C ASP B 229 45.52 -8.41 5.91
N GLY B 230 44.48 -8.72 5.12
CA GLY B 230 43.97 -10.08 5.08
C GLY B 230 43.11 -10.48 6.24
N SER B 231 42.71 -9.51 7.07
CA SER B 231 41.85 -9.74 8.22
C SER B 231 40.39 -9.52 7.87
N ILE B 232 39.49 -10.19 8.59
CA ILE B 232 38.06 -10.04 8.32
C ILE B 232 37.61 -8.69 8.86
N LEU B 233 36.69 -8.06 8.14
CA LEU B 233 36.05 -6.79 8.47
C LEU B 233 34.68 -7.02 9.08
N PRO B 234 34.20 -6.09 9.90
CA PRO B 234 32.84 -6.20 10.42
C PRO B 234 31.84 -6.01 9.29
N PRO B 235 30.64 -6.56 9.42
CA PRO B 235 29.64 -6.42 8.35
C PRO B 235 29.13 -5.00 8.25
N GLN B 236 28.66 -4.65 7.05
CA GLN B 236 28.09 -3.35 6.79
C GLN B 236 26.58 -3.41 6.87
N LEU B 237 25.98 -2.23 7.05
CA LEU B 237 24.53 -2.14 7.03
C LEU B 237 24.00 -2.38 5.62
N ALA B 238 22.78 -2.88 5.55
CA ALA B 238 22.10 -3.13 4.29
C ALA B 238 20.62 -2.80 4.45
N LEU B 239 20.04 -2.28 3.38
CA LEU B 239 18.63 -1.91 3.37
C LEU B 239 17.79 -3.13 3.01
N PHE B 240 16.95 -3.58 3.94
CA PHE B 240 15.93 -4.59 3.71
C PHE B 240 14.61 -3.83 3.55
N ALA B 241 14.05 -3.84 2.33
CA ALA B 241 12.90 -3.01 2.05
C ALA B 241 11.85 -3.78 1.25
N ILE B 242 10.59 -3.37 1.44
CA ILE B 242 9.49 -3.77 0.59
C ILE B 242 9.10 -2.56 -0.24
N ALA B 243 9.01 -2.76 -1.56
CA ALA B 243 8.69 -1.68 -2.49
C ALA B 243 7.32 -1.96 -3.08
N THR B 244 6.41 -1.00 -2.94
CA THR B 244 5.04 -1.08 -3.41
C THR B 244 4.72 0.12 -4.29
N PRO B 245 3.70 0.02 -5.14
CA PRO B 245 3.27 1.21 -5.92
C PRO B 245 2.55 2.24 -5.08
N LEU B 246 2.19 3.36 -5.69
CA LEU B 246 1.46 4.43 -5.01
C LEU B 246 -0.02 4.37 -5.36
N GLN B 247 -0.78 5.35 -4.83
CA GLN B 247 -2.23 5.37 -5.04
C GLN B 247 -2.74 6.80 -4.86
N PRO B 248 -3.73 7.23 -5.64
CA PRO B 248 -4.38 8.52 -5.46
C PRO B 248 -5.77 8.41 -4.82
N GLU B 253 -11.11 6.67 -13.47
CA GLU B 253 -11.90 6.83 -14.68
C GLU B 253 -11.27 6.05 -15.84
N ILE B 254 -12.12 5.47 -16.69
CA ILE B 254 -11.67 4.62 -17.79
C ILE B 254 -12.64 4.75 -18.96
N ARG B 255 -13.24 3.62 -19.37
CA ARG B 255 -14.32 3.69 -20.36
C ARG B 255 -15.50 4.50 -19.84
N THR B 256 -15.62 4.67 -18.52
CA THR B 256 -16.69 5.44 -17.90
C THR B 256 -16.62 6.93 -18.22
N LYS B 257 -15.63 7.37 -19.00
CA LYS B 257 -15.66 8.73 -19.51
C LYS B 257 -16.90 8.97 -20.35
N ASN B 258 -17.34 7.95 -21.09
CA ASN B 258 -18.55 8.00 -21.89
C ASN B 258 -19.78 7.57 -21.13
N PHE B 259 -19.70 7.49 -19.79
CA PHE B 259 -20.86 7.19 -18.97
C PHE B 259 -21.68 8.46 -18.77
N ILE B 260 -22.92 8.43 -19.22
CA ILE B 260 -23.87 9.52 -18.98
C ILE B 260 -25.03 8.89 -18.24
N PHE B 261 -25.11 9.12 -16.94
CA PHE B 261 -26.10 8.42 -16.13
C PHE B 261 -27.03 9.42 -15.45
N ARG B 262 -28.23 8.97 -15.15
CA ARG B 262 -29.28 9.81 -14.60
C ARG B 262 -29.64 9.39 -13.19
N THR B 263 -30.00 10.36 -12.37
CA THR B 263 -30.42 10.16 -10.99
C THR B 263 -31.69 10.97 -10.75
N LYS B 264 -32.67 10.34 -10.11
CA LYS B 264 -33.91 11.00 -9.71
C LYS B 264 -33.77 11.48 -8.26
N HIS B 265 -34.32 12.66 -7.98
CA HIS B 265 -34.19 13.26 -6.66
C HIS B 265 -35.52 13.88 -6.25
N LYS B 266 -35.74 13.94 -4.94
CA LYS B 266 -36.80 14.77 -4.40
C LYS B 266 -36.46 16.24 -4.59
N LEU B 267 -37.45 17.10 -4.33
CA LEU B 267 -37.25 18.54 -4.55
C LEU B 267 -36.16 19.11 -3.66
N ASP B 268 -35.86 18.47 -2.53
CA ASP B 268 -34.72 18.85 -1.69
C ASP B 268 -33.45 18.10 -2.05
N PHE B 269 -33.39 17.51 -3.26
CA PHE B 269 -32.23 16.77 -3.75
C PHE B 269 -31.93 15.54 -2.90
N THR B 270 -32.97 14.88 -2.43
CA THR B 270 -32.82 13.57 -1.81
C THR B 270 -32.91 12.52 -2.89
N PRO B 271 -31.83 11.82 -3.22
CA PRO B 271 -31.89 10.83 -4.31
C PRO B 271 -32.87 9.71 -4.01
N THR B 272 -33.72 9.40 -4.98
CA THR B 272 -34.70 8.33 -4.88
C THR B 272 -34.58 7.29 -5.98
N GLY B 273 -33.71 7.50 -6.96
CA GLY B 273 -33.54 6.56 -8.04
C GLY B 273 -32.20 6.75 -8.70
N CYS B 274 -31.67 5.65 -9.25
CA CYS B 274 -30.37 5.68 -9.90
C CYS B 274 -30.28 4.53 -10.89
N ASP B 275 -29.71 4.80 -12.06
CA ASP B 275 -29.58 3.78 -13.09
C ASP B 275 -28.32 2.96 -12.87
N ALA B 276 -28.04 2.05 -13.80
CA ALA B 276 -26.94 1.11 -13.62
C ALA B 276 -25.59 1.80 -13.65
N LYS B 277 -25.36 2.66 -14.66
CA LYS B 277 -24.09 3.37 -14.74
C LYS B 277 -23.87 4.25 -13.52
N GLY B 278 -24.95 4.77 -12.93
CA GLY B 278 -24.81 5.52 -11.70
C GLY B 278 -24.35 4.66 -10.54
N LYS B 279 -24.91 3.46 -10.42
CA LYS B 279 -24.45 2.54 -9.39
C LYS B 279 -22.99 2.13 -9.62
N ILE B 280 -22.56 2.06 -10.88
CA ILE B 280 -21.18 1.70 -11.18
C ILE B 280 -20.23 2.84 -10.86
N VAL B 281 -20.66 4.08 -11.08
CA VAL B 281 -19.78 5.22 -10.86
C VAL B 281 -19.72 5.58 -9.38
N LEU B 282 -20.88 5.75 -8.74
CA LEU B 282 -20.93 6.21 -7.37
C LEU B 282 -20.74 5.10 -6.34
N GLY B 283 -20.95 3.85 -6.73
CA GLY B 283 -20.71 2.72 -5.85
C GLY B 283 -21.86 2.36 -4.92
N TYR B 284 -22.90 3.19 -4.85
CA TYR B 284 -24.06 2.89 -4.01
C TYR B 284 -25.07 2.04 -4.76
N THR B 285 -25.69 1.11 -4.05
CA THR B 285 -26.90 0.51 -4.57
C THR B 285 -28.04 1.53 -4.52
N GLU B 286 -29.09 1.26 -5.29
CA GLU B 286 -30.20 2.21 -5.36
C GLU B 286 -30.81 2.44 -3.98
N ALA B 287 -30.87 1.40 -3.15
CA ALA B 287 -31.41 1.57 -1.81
C ALA B 287 -30.44 2.36 -0.93
N GLU B 288 -29.14 2.09 -1.04
CA GLU B 288 -28.16 2.78 -0.21
C GLU B 288 -28.12 4.28 -0.50
N LEU B 289 -28.33 4.66 -1.77
CA LEU B 289 -28.24 6.07 -2.14
C LEU B 289 -29.33 6.92 -1.52
N CYS B 290 -30.46 6.32 -1.12
CA CYS B 290 -31.60 7.09 -0.63
C CYS B 290 -31.63 7.25 0.88
N MET B 291 -30.97 6.37 1.62
CA MET B 291 -31.05 6.37 3.08
C MET B 291 -30.05 7.31 3.74
N ARG B 292 -29.33 8.12 2.96
CA ARG B 292 -28.26 8.95 3.48
C ARG B 292 -28.60 10.44 3.46
N GLY B 293 -29.88 10.78 3.41
CA GLY B 293 -30.28 12.17 3.40
C GLY B 293 -30.25 12.76 1.99
N THR B 294 -30.26 14.09 1.95
CA THR B 294 -30.27 14.79 0.68
C THR B 294 -28.90 14.71 0.01
N GLY B 295 -28.82 15.23 -1.21
CA GLY B 295 -27.57 15.20 -1.96
C GLY B 295 -26.48 16.06 -1.37
N TYR B 296 -26.83 17.01 -0.50
CA TYR B 296 -25.81 17.86 0.11
C TYR B 296 -24.92 17.09 1.07
N GLN B 297 -25.36 15.92 1.54
CA GLN B 297 -24.48 15.06 2.33
C GLN B 297 -23.43 14.40 1.46
N PHE B 298 -23.63 14.37 0.14
CA PHE B 298 -22.68 13.77 -0.80
C PHE B 298 -21.70 14.78 -1.39
N ILE B 299 -22.01 16.07 -1.32
CA ILE B 299 -21.28 17.09 -2.06
C ILE B 299 -20.06 17.53 -1.26
N HIS B 300 -18.94 17.71 -1.96
CA HIS B 300 -17.73 18.23 -1.35
C HIS B 300 -17.99 19.59 -0.72
N ALA B 301 -17.33 19.83 0.42
CA ALA B 301 -17.52 21.09 1.12
C ALA B 301 -17.03 22.28 0.31
N ALA B 302 -16.17 22.06 -0.68
CA ALA B 302 -15.74 23.13 -1.56
C ALA B 302 -16.75 23.44 -2.66
N ASP B 303 -17.79 22.63 -2.79
CA ASP B 303 -18.80 22.82 -3.82
C ASP B 303 -20.20 23.02 -3.24
N MET B 304 -20.32 23.11 -1.92
CA MET B 304 -21.64 23.15 -1.30
C MET B 304 -22.39 24.43 -1.66
N LEU B 305 -21.74 25.58 -1.56
CA LEU B 305 -22.42 26.84 -1.82
C LEU B 305 -22.62 27.08 -3.30
N TYR B 306 -21.68 26.61 -4.13
CA TYR B 306 -21.87 26.65 -5.58
C TYR B 306 -23.09 25.83 -5.97
N CYS B 307 -23.18 24.59 -5.47
CA CYS B 307 -24.34 23.76 -5.74
C CYS B 307 -25.62 24.38 -5.18
N ALA B 308 -25.53 25.04 -4.03
CA ALA B 308 -26.73 25.64 -3.45
C ALA B 308 -27.21 26.82 -4.29
N GLU B 309 -26.29 27.63 -4.78
CA GLU B 309 -26.66 28.72 -5.68
C GLU B 309 -27.31 28.18 -6.94
N TYR B 310 -26.77 27.11 -7.52
CA TYR B 310 -27.40 26.59 -8.72
C TYR B 310 -28.71 25.88 -8.41
N HIS B 311 -28.89 25.39 -7.18
CA HIS B 311 -30.18 24.85 -6.77
C HIS B 311 -31.22 25.97 -6.69
N VAL B 312 -30.84 27.12 -6.16
CA VAL B 312 -31.74 28.28 -6.16
C VAL B 312 -32.06 28.68 -7.60
N ARG B 313 -31.05 28.66 -8.48
CA ARG B 313 -31.28 28.96 -9.89
C ARG B 313 -32.29 27.99 -10.49
N MET B 314 -32.17 26.69 -10.16
CA MET B 314 -33.11 25.70 -10.69
C MET B 314 -34.51 25.92 -10.14
N ILE B 315 -34.62 26.27 -8.86
CA ILE B 315 -35.92 26.53 -8.27
C ILE B 315 -36.58 27.72 -8.95
N LYS B 316 -35.78 28.72 -9.34
CA LYS B 316 -36.33 29.92 -9.97
C LYS B 316 -36.46 29.82 -11.48
N THR B 317 -35.91 28.78 -12.12
CA THR B 317 -36.00 28.65 -13.57
C THR B 317 -36.40 27.27 -14.07
N GLY B 318 -36.26 26.21 -13.26
CA GLY B 318 -36.54 24.87 -13.71
C GLY B 318 -35.35 24.12 -14.29
N GLU B 319 -34.26 24.82 -14.57
CA GLU B 319 -33.05 24.23 -15.13
C GLU B 319 -31.85 24.83 -14.43
N SER B 320 -30.96 23.98 -13.95
CA SER B 320 -29.79 24.46 -13.23
C SER B 320 -28.62 24.79 -14.15
N GLY B 321 -28.62 24.27 -15.38
CA GLY B 321 -27.47 24.39 -16.24
C GLY B 321 -26.38 23.41 -15.86
N MET B 322 -25.28 23.46 -16.60
CA MET B 322 -24.18 22.52 -16.41
C MET B 322 -23.29 22.99 -15.27
N ILE B 323 -23.21 22.21 -14.20
CA ILE B 323 -22.28 22.50 -13.12
C ILE B 323 -21.33 21.33 -12.94
N VAL B 324 -20.14 21.62 -12.43
CA VAL B 324 -19.10 20.62 -12.20
C VAL B 324 -18.80 20.60 -10.71
N PHE B 325 -19.08 19.48 -10.05
CA PHE B 325 -18.88 19.40 -8.61
C PHE B 325 -18.51 17.97 -8.22
N ARG B 326 -18.07 17.82 -6.96
CA ARG B 326 -17.55 16.57 -6.46
C ARG B 326 -18.60 15.84 -5.62
N LEU B 327 -18.78 14.55 -5.90
CA LEU B 327 -19.69 13.69 -5.15
C LEU B 327 -18.89 12.64 -4.40
N LEU B 328 -19.43 12.20 -3.26
CA LEU B 328 -18.78 11.22 -2.42
C LEU B 328 -19.27 9.81 -2.79
N THR B 329 -18.34 8.93 -3.09
CA THR B 329 -18.68 7.55 -3.44
C THR B 329 -18.80 6.71 -2.17
N LYS B 330 -19.15 5.43 -2.35
CA LYS B 330 -19.22 4.53 -1.21
C LYS B 330 -17.84 4.18 -0.68
N ASP B 331 -16.80 4.30 -1.50
CA ASP B 331 -15.42 4.15 -1.06
C ASP B 331 -14.93 5.34 -0.26
N ASN B 332 -15.82 6.29 0.03
CA ASN B 332 -15.47 7.55 0.67
C ASN B 332 -14.45 8.33 -0.17
N ARG B 333 -14.50 8.13 -1.48
CA ARG B 333 -13.70 8.89 -2.42
C ARG B 333 -14.55 9.99 -3.06
N TRP B 334 -13.86 11.01 -3.59
CA TRP B 334 -14.51 12.13 -4.25
C TRP B 334 -14.36 11.93 -5.75
N THR B 335 -15.44 12.14 -6.49
CA THR B 335 -15.42 12.00 -7.95
C THR B 335 -16.10 13.21 -8.57
N TRP B 336 -15.47 13.79 -9.60
CA TRP B 336 -16.02 14.95 -10.26
C TRP B 336 -17.13 14.53 -11.21
N VAL B 337 -18.19 15.34 -11.28
CA VAL B 337 -19.28 15.10 -12.22
C VAL B 337 -19.66 16.42 -12.86
N GLN B 338 -20.06 16.35 -14.12
CA GLN B 338 -20.67 17.46 -14.86
C GLN B 338 -22.15 17.11 -14.95
N SER B 339 -22.97 17.79 -14.13
CA SER B 339 -24.37 17.45 -13.98
C SER B 339 -25.26 18.61 -14.40
N ASN B 340 -26.52 18.25 -14.69
CA ASN B 340 -27.55 19.20 -15.09
C ASN B 340 -28.86 18.75 -14.47
N ALA B 341 -29.31 19.46 -13.44
CA ALA B 341 -30.55 19.13 -12.77
C ALA B 341 -31.72 19.86 -13.42
N ARG B 342 -32.79 19.12 -13.69
CA ARG B 342 -33.98 19.64 -14.34
C ARG B 342 -35.20 19.34 -13.49
N LEU B 343 -36.05 20.34 -13.29
CA LEU B 343 -37.30 20.12 -12.59
C LEU B 343 -38.31 19.48 -13.53
N VAL B 344 -38.98 18.45 -13.04
CA VAL B 344 -40.11 17.83 -13.75
C VAL B 344 -41.37 18.24 -13.01
N TYR B 345 -42.35 18.76 -13.75
CA TYR B 345 -43.53 19.29 -13.12
C TYR B 345 -44.68 18.29 -13.20
N LYS B 346 -45.56 18.37 -12.21
CA LYS B 346 -46.82 17.65 -12.18
C LYS B 346 -47.89 18.69 -11.90
N ASN B 347 -48.87 18.78 -12.80
CA ASN B 347 -49.99 19.72 -12.70
C ASN B 347 -49.52 21.17 -12.52
N GLY B 348 -48.45 21.53 -13.23
CA GLY B 348 -47.92 22.88 -13.13
C GLY B 348 -47.19 23.19 -11.83
N ARG B 349 -47.10 22.24 -10.92
CA ARG B 349 -46.34 22.37 -9.69
C ARG B 349 -45.14 21.45 -9.74
N PRO B 350 -43.95 21.87 -9.31
CA PRO B 350 -42.78 20.97 -9.39
C PRO B 350 -43.03 19.67 -8.63
N ASP B 351 -42.40 18.60 -9.10
CA ASP B 351 -42.61 17.26 -8.54
C ASP B 351 -41.31 16.60 -8.12
N TYR B 352 -40.31 16.54 -8.99
CA TYR B 352 -39.04 15.89 -8.67
C TYR B 352 -37.97 16.39 -9.64
N ILE B 353 -36.71 16.17 -9.26
CA ILE B 353 -35.55 16.59 -10.04
C ILE B 353 -35.00 15.39 -10.80
N ILE B 354 -34.54 15.63 -12.03
CA ILE B 354 -33.88 14.61 -12.85
C ILE B 354 -32.52 15.17 -13.25
N ALA B 355 -31.46 14.61 -12.66
CA ALA B 355 -30.09 15.06 -12.91
C ALA B 355 -29.41 14.04 -13.83
N THR B 356 -28.97 14.51 -14.99
CA THR B 356 -28.26 13.69 -15.98
C THR B 356 -26.81 14.17 -16.09
N GLN B 357 -25.87 13.28 -15.77
CA GLN B 357 -24.50 13.68 -15.45
C GLN B 357 -23.51 12.82 -16.20
N ARG B 358 -22.23 13.16 -16.06
CA ARG B 358 -21.08 12.54 -16.71
C ARG B 358 -19.84 12.66 -15.83
N PRO B 359 -19.19 11.57 -15.46
CA PRO B 359 -17.98 11.67 -14.64
C PRO B 359 -16.84 12.33 -15.40
N LEU B 360 -15.96 13.00 -14.64
CA LEU B 360 -14.82 13.71 -15.19
C LEU B 360 -13.55 13.27 -14.48
N THR B 361 -12.42 13.37 -15.19
CA THR B 361 -11.13 13.17 -14.56
C THR B 361 -10.87 14.27 -13.54
N ASP B 362 -10.00 13.96 -12.58
CA ASP B 362 -9.67 14.95 -11.55
C ASP B 362 -9.03 16.19 -12.17
N GLU B 363 -8.33 16.03 -13.29
CA GLU B 363 -7.63 17.16 -13.91
C GLU B 363 -8.61 18.18 -14.48
N GLU B 364 -9.55 17.73 -15.33
CA GLU B 364 -10.50 18.66 -15.91
C GLU B 364 -11.50 19.16 -14.87
N GLY B 365 -11.77 18.37 -13.83
CA GLY B 365 -12.55 18.88 -12.72
C GLY B 365 -11.86 20.03 -12.00
N LYS B 366 -10.55 19.86 -11.73
CA LYS B 366 -9.79 20.96 -11.14
C LYS B 366 -9.76 22.16 -12.06
N GLU B 367 -9.71 21.94 -13.38
CA GLU B 367 -9.74 23.04 -14.33
C GLU B 367 -11.05 23.80 -14.24
N HIS B 368 -12.17 23.09 -14.20
CA HIS B 368 -13.47 23.74 -14.05
C HIS B 368 -13.55 24.50 -12.73
N LEU B 369 -13.03 23.92 -11.65
CA LEU B 369 -13.02 24.62 -10.36
C LEU B 369 -12.15 25.88 -10.44
N ARG B 370 -11.05 25.83 -11.19
CA ARG B 370 -10.23 27.01 -11.36
C ARG B 370 -10.97 28.09 -12.14
N LYS B 371 -11.77 27.69 -13.12
CA LYS B 371 -12.54 28.63 -13.93
C LYS B 371 -13.93 28.90 -13.38
N ARG B 372 -14.13 28.78 -12.07
CA ARG B 372 -15.43 29.03 -11.47
C ARG B 372 -15.81 30.49 -11.63
N THR B 373 -17.03 30.74 -12.09
CA THR B 373 -17.51 32.11 -12.22
C THR B 373 -17.70 32.76 -10.86
N LEU B 374 -18.27 32.03 -9.90
CA LEU B 374 -18.56 32.55 -8.58
C LEU B 374 -17.40 32.26 -7.63
N LYS B 375 -16.90 33.30 -6.99
CA LYS B 375 -15.92 33.15 -5.92
C LYS B 375 -16.67 33.03 -4.60
N LEU B 376 -16.63 31.86 -4.00
CA LEU B 376 -17.39 31.53 -2.80
C LEU B 376 -16.46 30.97 -1.74
N PRO B 377 -16.86 31.01 -0.47
CA PRO B 377 -16.00 30.48 0.59
C PRO B 377 -15.74 28.99 0.44
N PHE B 378 -14.62 28.55 1.01
CA PHE B 378 -14.17 27.16 1.00
C PHE B 378 -13.95 26.64 -0.42
N MET B 379 -13.80 27.53 -1.39
CA MET B 379 -13.75 27.10 -2.79
C MET B 379 -12.53 26.22 -3.06
N PHE B 380 -11.39 26.55 -2.46
CA PHE B 380 -10.15 25.81 -2.70
C PHE B 380 -9.80 24.88 -1.54
N ALA B 381 -10.80 24.41 -0.81
CA ALA B 381 -10.57 23.51 0.32
C ALA B 381 -10.57 22.07 -0.15
N THR B 382 -9.73 21.25 0.49
CA THR B 382 -9.63 19.83 0.21
C THR B 382 -9.74 19.08 1.53
N GLY B 383 -10.34 17.90 1.47
CA GLY B 383 -10.51 17.11 2.69
C GLY B 383 -11.19 15.80 2.39
N GLU B 384 -11.43 15.04 3.46
CA GLU B 384 -12.11 13.76 3.41
C GLU B 384 -13.46 13.86 4.11
N ALA B 385 -14.31 12.87 3.88
CA ALA B 385 -15.65 12.89 4.46
C ALA B 385 -16.11 11.46 4.73
N VAL B 386 -17.19 11.36 5.49
CA VAL B 386 -17.89 10.11 5.74
C VAL B 386 -19.39 10.36 5.54
N LEU B 387 -20.15 9.28 5.42
CA LEU B 387 -21.58 9.37 5.18
C LEU B 387 -22.28 8.25 5.92
N TYR B 388 -23.29 8.61 6.72
CA TYR B 388 -24.04 7.68 7.53
C TYR B 388 -25.51 7.73 7.17
N GLU B 389 -26.27 6.75 7.67
CA GLU B 389 -27.69 6.67 7.41
C GLU B 389 -28.50 6.92 8.69
#